data_7KIT
#
_entry.id   7KIT
#
_cell.length_a   66.945
_cell.length_b   78.874
_cell.length_c   87.213
_cell.angle_alpha   90.000
_cell.angle_beta   90.000
_cell.angle_gamma   90.000
#
_symmetry.space_group_name_H-M   'P 21 21 21'
#
loop_
_entity.id
_entity.type
_entity.pdbx_description
1 polymer 'Peptidoglycan D,D-transpeptidase FtsI'
2 non-polymer (2S,5R)-1-formyl-5-[(sulfooxy)amino]piperidine-2-carbonitrile
3 water water
#
_entity_poly.entity_id   1
_entity_poly.type   'polypeptide(L)'
_entity_poly.pdbx_seq_one_letter_code
;MKLNYFQGALYPWRFCVIVGLLLAMVGAIVWRIVDLHVIDHDFLKGQGDARSVRHIAIPAHRGLITDRNGEPLAVSTPVT
TLWANPKELMTAKERWPQLAAALGQDTKLFADRIEQNAEREFIYLVRGLTPEQGEGVIALKVPGVYSIEEFRRFYPAGEV
VAHAVGFTDVDDRGREGIELAFDEWLAGVPGKRQVLKDRRGRVIKDVQVTKNAKPGKTLALSIDLRLQYLAHRELRNALL
ENGAKAGSLVIMDVKTGEILAMTNQPTYNPNNRRNLQPAAMRNRAMIDVFEPGSTVKPFSMSAALASGRWKPSDIVDVYP
GTLQIGRYTIRDVSRNSRQLDLTGILIKSSNVGISKIAFDIGAESIYSVMQQVGLGQDTGLGFPGERVGNLPNHRKWPKA
ETATLAYGYGLSVTAIQLAHAYAALANDGKSVPLSMTRVDRVPDGVQVISPEVASTVQGMLQQVVEAQGGVFRAQVPGYH
AAGKSGTARKVSVGTKGYRENAYRSLFAGFAPATDPRIAMVVVIDEPSKAGYFGGLVSAPVFSKVMAGALRLMNVPPDNL
PTATEQQQVNAAPAKGGRG
;
_entity_poly.pdbx_strand_id   A
#
# COMPACT_ATOMS: atom_id res chain seq x y z
N ILE A 56 -33.33 -5.24 20.36
CA ILE A 56 -32.07 -4.51 20.50
C ILE A 56 -30.88 -5.40 20.14
N ALA A 57 -30.00 -4.89 19.28
CA ALA A 57 -28.85 -5.66 18.83
C ALA A 57 -27.76 -5.69 19.91
N ILE A 58 -27.05 -6.81 19.97
CA ILE A 58 -25.92 -7.02 20.89
C ILE A 58 -24.65 -6.98 20.07
N PRO A 59 -23.87 -5.89 20.10
CA PRO A 59 -22.69 -5.79 19.22
C PRO A 59 -21.63 -6.80 19.64
N ALA A 60 -20.97 -7.41 18.65
CA ALA A 60 -19.99 -8.45 18.89
C ALA A 60 -18.57 -7.89 18.86
N HIS A 61 -17.66 -8.65 19.48
CA HIS A 61 -16.25 -8.29 19.57
C HIS A 61 -15.59 -8.43 18.19
N ARG A 62 -15.04 -7.33 17.68
CA ARG A 62 -14.42 -7.32 16.36
C ARG A 62 -13.02 -7.94 16.40
N GLY A 63 -12.67 -8.64 15.32
CA GLY A 63 -11.45 -9.43 15.32
C GLY A 63 -10.21 -8.57 15.49
N LEU A 64 -9.24 -9.09 16.24
CA LEU A 64 -7.96 -8.41 16.39
C LEU A 64 -7.20 -8.45 15.07
N ILE A 65 -6.62 -7.32 14.69
CA ILE A 65 -5.66 -7.28 13.59
C ILE A 65 -4.26 -7.21 14.18
N THR A 66 -3.39 -8.11 13.75
CA THR A 66 -1.99 -8.05 14.12
C THR A 66 -1.13 -7.93 12.88
N ASP A 67 0.13 -7.56 13.08
CA ASP A 67 1.07 -7.76 12.00
C ASP A 67 1.39 -9.27 11.86
N ARG A 68 2.30 -9.59 10.96
CA ARG A 68 2.61 -10.99 10.69
C ARG A 68 3.21 -11.71 11.89
N ASN A 69 3.82 -10.98 12.84
CA ASN A 69 4.43 -11.62 14.00
C ASN A 69 3.59 -11.48 15.27
N GLY A 70 2.33 -11.04 15.14
CA GLY A 70 1.43 -10.93 16.27
C GLY A 70 1.38 -9.59 16.98
N GLU A 71 2.15 -8.59 16.54
CA GLU A 71 2.05 -7.30 17.21
C GLU A 71 0.67 -6.69 16.94
N PRO A 72 0.02 -6.12 17.96
CA PRO A 72 -1.36 -5.63 17.79
C PRO A 72 -1.41 -4.38 16.92
N LEU A 73 -2.28 -4.40 15.90
CA LEU A 73 -2.49 -3.24 15.02
C LEU A 73 -3.87 -2.63 15.11
N ALA A 74 -4.89 -3.39 15.51
CA ALA A 74 -6.25 -2.88 15.67
C ALA A 74 -6.95 -3.70 16.73
N VAL A 75 -7.38 -3.06 17.81
CA VAL A 75 -7.86 -3.74 19.00
C VAL A 75 -9.27 -3.24 19.32
N SER A 76 -10.22 -4.19 19.38
CA SER A 76 -11.55 -3.93 19.92
C SER A 76 -11.50 -3.87 21.43
N THR A 77 -11.79 -2.70 22.00
CA THR A 77 -11.78 -2.57 23.43
C THR A 77 -13.16 -2.18 23.93
N PRO A 78 -13.68 -2.85 24.96
CA PRO A 78 -15.07 -2.61 25.38
C PRO A 78 -15.32 -1.16 25.81
N VAL A 79 -16.47 -0.64 25.39
CA VAL A 79 -16.91 0.70 25.74
C VAL A 79 -18.38 0.64 26.12
N THR A 80 -18.85 1.71 26.75
CA THR A 80 -20.24 1.83 27.17
C THR A 80 -20.90 2.97 26.41
N THR A 81 -22.01 2.67 25.76
CA THR A 81 -22.80 3.65 25.04
C THR A 81 -24.12 3.90 25.77
N LEU A 82 -24.53 5.17 25.82
CA LEU A 82 -25.74 5.57 26.51
C LEU A 82 -26.75 6.07 25.49
N TRP A 83 -27.93 5.45 25.49
CA TRP A 83 -29.05 5.95 24.72
C TRP A 83 -30.18 6.27 25.68
N ALA A 84 -31.15 7.02 25.19
CA ALA A 84 -32.24 7.45 26.05
C ALA A 84 -33.55 7.39 25.29
N ASN A 85 -34.63 7.19 26.03
CA ASN A 85 -35.97 7.32 25.48
C ASN A 85 -36.48 8.69 25.88
N PRO A 86 -36.66 9.62 24.94
CA PRO A 86 -36.94 11.02 25.33
C PRO A 86 -38.14 11.17 26.24
N LYS A 87 -39.27 10.53 25.93
CA LYS A 87 -40.48 10.78 26.72
C LYS A 87 -40.31 10.29 28.15
N GLU A 88 -39.63 9.15 28.36
CA GLU A 88 -39.30 8.76 29.73
C GLU A 88 -38.36 9.77 30.38
N LEU A 89 -37.36 10.25 29.63
CA LEU A 89 -36.48 11.30 30.14
C LEU A 89 -37.24 12.56 30.49
N MET A 90 -38.34 12.84 29.77
CA MET A 90 -39.15 14.03 30.00
C MET A 90 -39.83 14.01 31.36
N THR A 91 -39.91 12.86 32.01
CA THR A 91 -40.56 12.75 33.31
C THR A 91 -39.60 12.96 34.46
N ALA A 92 -38.32 13.20 34.17
CA ALA A 92 -37.31 13.45 35.21
C ALA A 92 -36.41 14.59 34.78
N LYS A 93 -37.03 15.71 34.36
CA LYS A 93 -36.28 16.85 33.87
C LYS A 93 -35.33 17.42 34.92
N GLU A 94 -35.69 17.31 36.21
CA GLU A 94 -34.81 17.79 37.26
C GLU A 94 -33.48 17.04 37.28
N ARG A 95 -33.40 15.86 36.67
CA ARG A 95 -32.15 15.13 36.65
C ARG A 95 -31.25 15.52 35.48
N TRP A 96 -31.79 16.18 34.46
CA TRP A 96 -31.00 16.47 33.26
C TRP A 96 -29.71 17.24 33.53
N PRO A 97 -29.67 18.30 34.37
CA PRO A 97 -28.41 19.06 34.50
C PRO A 97 -27.25 18.20 34.97
N GLN A 98 -27.47 17.38 35.99
CA GLN A 98 -26.42 16.50 36.48
C GLN A 98 -26.05 15.45 35.44
N LEU A 99 -27.02 14.98 34.65
CA LEU A 99 -26.71 14.06 33.57
C LEU A 99 -25.87 14.75 32.50
N ALA A 100 -26.29 15.95 32.08
CA ALA A 100 -25.53 16.72 31.11
C ALA A 100 -24.13 17.03 31.64
N ALA A 101 -24.02 17.34 32.92
CA ALA A 101 -22.71 17.53 33.53
C ALA A 101 -21.84 16.28 33.38
N ALA A 102 -22.36 15.14 33.82
CA ALA A 102 -21.58 13.91 33.77
C ALA A 102 -21.14 13.56 32.35
N LEU A 103 -21.88 14.03 31.34
CA LEU A 103 -21.52 13.79 29.95
C LEU A 103 -20.65 14.89 29.37
N GLY A 104 -20.30 15.90 30.16
CA GLY A 104 -19.55 17.05 29.64
C GLY A 104 -20.29 17.78 28.55
N GLN A 105 -21.62 17.86 28.64
CA GLN A 105 -22.45 18.43 27.59
C GLN A 105 -23.16 19.67 28.11
N ASP A 106 -23.36 20.63 27.21
CA ASP A 106 -24.01 21.88 27.54
C ASP A 106 -25.48 21.64 27.86
N THR A 107 -25.95 22.24 28.95
CA THR A 107 -27.30 21.95 29.46
C THR A 107 -28.37 22.33 28.44
N LYS A 108 -28.21 23.48 27.78
CA LYS A 108 -29.21 23.91 26.80
C LYS A 108 -29.17 23.04 25.55
N LEU A 109 -27.98 22.68 25.09
CA LEU A 109 -27.87 21.77 23.95
C LEU A 109 -28.50 20.43 24.28
N PHE A 110 -28.18 19.90 25.46
CA PHE A 110 -28.76 18.65 25.92
C PHE A 110 -30.28 18.74 25.99
N ALA A 111 -30.80 19.72 26.74
CA ALA A 111 -32.25 19.85 26.88
C ALA A 111 -32.93 20.05 25.54
N ASP A 112 -32.32 20.81 24.64
CA ASP A 112 -32.93 21.04 23.34
C ASP A 112 -33.02 19.77 22.51
N ARG A 113 -32.02 18.89 22.61
CA ARG A 113 -32.05 17.65 21.83
C ARG A 113 -33.12 16.70 22.32
N ILE A 114 -33.32 16.64 23.64
CA ILE A 114 -34.40 15.80 24.18
C ILE A 114 -35.75 16.31 23.70
N GLU A 115 -35.98 17.61 23.80
CA GLU A 115 -37.29 18.16 23.49
C GLU A 115 -37.57 18.16 21.99
N GLN A 116 -36.57 18.53 21.17
CA GLN A 116 -36.76 18.55 19.72
C GLN A 116 -36.88 17.15 19.12
N ASN A 117 -36.47 16.12 19.85
CA ASN A 117 -36.68 14.72 19.47
C ASN A 117 -37.69 14.05 20.38
N ALA A 118 -38.69 14.83 20.84
CA ALA A 118 -39.64 14.37 21.85
C ALA A 118 -40.24 13.02 21.50
N GLU A 119 -41.05 12.97 20.45
CA GLU A 119 -41.72 11.72 20.07
C GLU A 119 -40.83 10.94 19.11
N ARG A 120 -39.77 10.36 19.68
CA ARG A 120 -38.85 9.50 18.96
C ARG A 120 -38.45 8.24 19.72
N GLU A 121 -38.56 8.21 21.05
CA GLU A 121 -38.34 7.04 21.91
C GLU A 121 -36.96 6.38 21.77
N PHE A 122 -36.13 6.82 20.83
CA PHE A 122 -34.74 6.38 20.80
C PHE A 122 -33.86 7.52 20.32
N ILE A 123 -32.86 7.89 21.13
CA ILE A 123 -31.77 8.76 20.71
C ILE A 123 -30.51 8.34 21.46
N TYR A 124 -29.35 8.58 20.84
CA TYR A 124 -28.06 8.38 21.48
C TYR A 124 -27.69 9.59 22.33
N LEU A 125 -27.27 9.34 23.57
CA LEU A 125 -26.75 10.41 24.42
C LEU A 125 -25.25 10.58 24.23
N VAL A 126 -24.49 9.47 24.26
CA VAL A 126 -23.05 9.50 24.06
C VAL A 126 -22.61 8.08 23.70
N ARG A 127 -21.52 7.99 22.93
CA ARG A 127 -20.98 6.72 22.48
C ARG A 127 -19.51 6.60 22.88
N GLY A 128 -19.09 5.37 23.16
CA GLY A 128 -17.68 5.13 23.39
C GLY A 128 -17.13 5.61 24.70
N LEU A 129 -17.94 5.66 25.76
CA LEU A 129 -17.39 5.94 27.08
C LEU A 129 -16.57 4.75 27.58
N THR A 130 -15.65 5.06 28.48
CA THR A 130 -14.99 4.01 29.24
C THR A 130 -16.04 3.22 30.04
N PRO A 131 -15.81 1.93 30.28
CA PRO A 131 -16.66 1.22 31.26
C PRO A 131 -16.83 1.94 32.58
N GLU A 132 -15.78 2.59 33.10
CA GLU A 132 -15.90 3.38 34.33
C GLU A 132 -16.85 4.57 34.12
N GLN A 133 -16.57 5.40 33.12
CA GLN A 133 -17.40 6.57 32.87
C GLN A 133 -18.86 6.19 32.66
N GLY A 134 -19.11 5.12 31.91
CA GLY A 134 -20.47 4.66 31.72
C GLY A 134 -21.09 4.18 33.02
N GLU A 135 -20.30 3.49 33.85
CA GLU A 135 -20.79 3.02 35.14
C GLU A 135 -21.30 4.18 35.99
N GLY A 136 -20.51 5.26 36.06
CA GLY A 136 -20.89 6.37 36.91
C GLY A 136 -22.18 7.04 36.47
N VAL A 137 -22.38 7.18 35.16
CA VAL A 137 -23.63 7.78 34.66
C VAL A 137 -24.82 6.91 35.05
N ILE A 138 -24.73 5.60 34.76
CA ILE A 138 -25.83 4.69 35.08
C ILE A 138 -26.13 4.68 36.57
N ALA A 139 -25.12 4.91 37.41
CA ALA A 139 -25.33 4.92 38.85
C ALA A 139 -26.23 6.07 39.30
N LEU A 140 -26.42 7.10 38.47
CA LEU A 140 -27.33 8.19 38.82
C LEU A 140 -28.80 7.78 38.80
N LYS A 141 -29.13 6.65 38.17
CA LYS A 141 -30.52 6.15 38.12
C LYS A 141 -31.46 7.18 37.49
N VAL A 142 -31.06 7.71 36.34
CA VAL A 142 -31.93 8.68 35.66
C VAL A 142 -32.94 7.90 34.82
N PRO A 143 -34.24 8.08 35.07
CA PRO A 143 -35.26 7.40 34.26
C PRO A 143 -35.01 7.58 32.76
N GLY A 144 -35.14 6.49 32.02
CA GLY A 144 -35.04 6.58 30.58
C GLY A 144 -33.64 6.64 30.03
N VAL A 145 -32.62 6.50 30.87
CA VAL A 145 -31.23 6.45 30.43
C VAL A 145 -30.78 4.99 30.47
N TYR A 146 -30.37 4.46 29.31
CA TYR A 146 -30.01 3.05 29.17
C TYR A 146 -28.63 2.91 28.54
N SER A 147 -27.97 1.79 28.83
CA SER A 147 -26.59 1.55 28.42
C SER A 147 -26.49 0.38 27.44
N ILE A 148 -25.54 0.49 26.52
CA ILE A 148 -25.19 -0.57 25.58
C ILE A 148 -23.69 -0.83 25.73
N GLU A 149 -23.33 -2.09 25.94
CA GLU A 149 -21.92 -2.46 25.98
C GLU A 149 -21.46 -2.73 24.56
N GLU A 150 -20.61 -1.86 24.05
CA GLU A 150 -20.12 -1.85 22.68
C GLU A 150 -18.60 -2.06 22.68
N PHE A 151 -18.01 -1.95 21.49
CA PHE A 151 -16.56 -2.02 21.31
C PHE A 151 -16.11 -0.90 20.39
N ARG A 152 -15.01 -0.26 20.73
CA ARG A 152 -14.40 0.77 19.90
C ARG A 152 -12.96 0.35 19.57
N ARG A 153 -12.54 0.69 18.35
CA ARG A 153 -11.23 0.31 17.84
C ARG A 153 -10.15 1.28 18.30
N PHE A 154 -9.01 0.74 18.73
CA PHE A 154 -7.82 1.54 18.97
C PHE A 154 -6.65 0.93 18.19
N TYR A 155 -5.75 1.80 17.71
CA TYR A 155 -4.72 1.43 16.74
C TYR A 155 -3.35 1.64 17.39
N PRO A 156 -2.79 0.60 18.00
CA PRO A 156 -1.60 0.79 18.86
C PRO A 156 -0.35 1.21 18.10
N ALA A 157 -0.30 1.01 16.79
CA ALA A 157 0.84 1.48 15.99
C ALA A 157 0.55 2.80 15.28
N GLY A 158 -0.69 3.32 15.39
CA GLY A 158 -1.02 4.67 14.94
C GLY A 158 -0.62 4.96 13.51
N GLU A 159 0.09 6.07 13.33
CA GLU A 159 0.41 6.58 12.00
C GLU A 159 1.39 5.69 11.24
N VAL A 160 2.15 4.85 11.93
CA VAL A 160 3.16 4.04 11.25
C VAL A 160 2.51 3.13 10.19
N VAL A 161 1.29 2.67 10.43
CA VAL A 161 0.63 1.71 9.54
C VAL A 161 -0.82 2.16 9.26
N ALA A 162 -1.06 3.48 9.28
CA ALA A 162 -2.41 4.01 9.16
C ALA A 162 -3.13 3.52 7.90
N HIS A 163 -2.49 3.69 6.74
CA HIS A 163 -3.21 3.46 5.49
C HIS A 163 -3.47 1.97 5.27
N ALA A 164 -2.48 1.13 5.58
CA ALA A 164 -2.68 -0.30 5.37
C ALA A 164 -3.81 -0.83 6.26
N VAL A 165 -3.81 -0.44 7.53
CA VAL A 165 -4.80 -0.99 8.45
C VAL A 165 -6.17 -0.36 8.22
N GLY A 166 -6.22 0.95 8.02
CA GLY A 166 -7.51 1.61 7.89
C GLY A 166 -8.14 1.84 9.24
N PHE A 167 -9.47 1.96 9.25
CA PHE A 167 -10.18 2.16 10.51
C PHE A 167 -11.67 1.88 10.32
N THR A 168 -12.38 1.91 11.43
CA THR A 168 -13.81 1.63 11.47
C THR A 168 -14.61 2.93 11.60
N ASP A 169 -15.92 2.83 11.36
CA ASP A 169 -16.80 3.97 11.55
C ASP A 169 -17.36 3.95 12.98
N VAL A 170 -18.28 4.89 13.27
CA VAL A 170 -18.87 4.99 14.60
C VAL A 170 -19.59 3.72 14.99
N ASP A 171 -20.11 2.99 14.01
CA ASP A 171 -20.82 1.73 14.25
C ASP A 171 -19.90 0.51 14.33
N ASP A 172 -18.58 0.72 14.42
CA ASP A 172 -17.60 -0.37 14.47
C ASP A 172 -17.54 -1.16 13.15
N ARG A 173 -17.92 -0.53 12.05
CA ARG A 173 -17.88 -1.15 10.73
C ARG A 173 -16.68 -0.64 9.97
N GLY A 174 -15.95 -1.56 9.32
CA GLY A 174 -14.78 -1.20 8.52
C GLY A 174 -15.11 -0.13 7.50
N ARG A 175 -14.32 0.96 7.46
CA ARG A 175 -14.56 2.05 6.52
C ARG A 175 -13.35 2.41 5.66
N GLU A 176 -12.15 1.90 5.96
CA GLU A 176 -10.97 2.10 5.11
C GLU A 176 -9.98 0.97 5.34
N GLY A 177 -9.11 0.77 4.35
CA GLY A 177 -8.00 -0.18 4.44
C GLY A 177 -8.45 -1.59 4.73
N ILE A 178 -7.62 -2.30 5.51
CA ILE A 178 -7.89 -3.70 5.83
C ILE A 178 -9.22 -3.84 6.56
N GLU A 179 -9.56 -2.87 7.41
CA GLU A 179 -10.79 -2.98 8.22
C GLU A 179 -12.01 -3.16 7.32
N LEU A 180 -12.02 -2.47 6.18
CA LEU A 180 -13.06 -2.63 5.18
C LEU A 180 -12.84 -3.89 4.34
N ALA A 181 -11.63 -4.05 3.79
CA ALA A 181 -11.38 -5.17 2.90
C ALA A 181 -11.74 -6.50 3.55
N PHE A 182 -11.47 -6.64 4.84
CA PHE A 182 -11.73 -7.89 5.55
C PHE A 182 -12.84 -7.74 6.58
N ASP A 183 -13.75 -6.79 6.34
CA ASP A 183 -14.80 -6.50 7.33
C ASP A 183 -15.59 -7.75 7.72
N GLU A 184 -15.95 -8.60 6.76
CA GLU A 184 -16.76 -9.77 7.08
C GLU A 184 -16.02 -10.73 8.01
N TRP A 185 -14.77 -11.04 7.66
CA TRP A 185 -13.91 -11.82 8.54
C TRP A 185 -13.86 -11.22 9.93
N LEU A 186 -13.74 -9.90 10.03
CA LEU A 186 -13.44 -9.26 11.31
C LEU A 186 -14.70 -9.00 12.14
N ALA A 187 -15.84 -8.82 11.48
CA ALA A 187 -17.03 -8.29 12.16
C ALA A 187 -17.66 -9.31 13.10
N GLY A 188 -17.70 -10.58 12.72
CA GLY A 188 -18.54 -11.48 13.50
C GLY A 188 -20.01 -11.13 13.31
N VAL A 189 -20.85 -11.71 14.16
CA VAL A 189 -22.28 -11.45 13.96
C VAL A 189 -22.94 -10.96 15.25
N PRO A 190 -23.64 -9.82 15.18
CA PRO A 190 -24.32 -9.29 16.38
C PRO A 190 -25.31 -10.28 16.95
N GLY A 191 -25.47 -10.22 18.27
CA GLY A 191 -26.54 -10.91 18.95
C GLY A 191 -27.83 -10.10 18.95
N LYS A 192 -28.88 -10.70 19.51
CA LYS A 192 -30.21 -10.10 19.56
C LYS A 192 -30.73 -10.12 20.99
N ARG A 193 -31.45 -9.07 21.35
CA ARG A 193 -31.96 -8.91 22.71
C ARG A 193 -33.35 -8.31 22.61
N GLN A 194 -34.35 -9.00 23.18
CA GLN A 194 -35.74 -8.53 23.15
C GLN A 194 -36.07 -7.78 24.43
N VAL A 195 -36.80 -6.68 24.29
CA VAL A 195 -37.12 -5.78 25.40
C VAL A 195 -38.62 -5.46 25.38
N LEU A 196 -39.05 -4.74 26.42
CA LEU A 196 -40.41 -4.18 26.47
C LEU A 196 -40.43 -2.72 25.98
N ILE A 204 -41.24 -0.95 29.76
CA ILE A 204 -39.82 -1.21 29.61
C ILE A 204 -39.41 -2.32 30.59
N LYS A 205 -38.58 -3.23 30.08
CA LYS A 205 -38.13 -4.43 30.78
C LYS A 205 -37.26 -5.25 29.84
N ASP A 206 -36.16 -5.80 30.33
CA ASP A 206 -35.33 -6.68 29.52
C ASP A 206 -35.71 -8.13 29.77
N VAL A 207 -35.85 -8.88 28.70
CA VAL A 207 -36.34 -10.25 28.79
C VAL A 207 -35.20 -11.23 28.51
N GLN A 208 -35.00 -11.59 27.25
CA GLN A 208 -34.13 -12.70 26.88
C GLN A 208 -33.05 -12.25 25.90
N VAL A 209 -31.92 -12.95 25.96
CA VAL A 209 -30.92 -12.93 24.90
C VAL A 209 -31.34 -14.02 23.91
N THR A 210 -32.01 -13.63 22.84
CA THR A 210 -32.55 -14.64 21.92
C THR A 210 -31.52 -15.10 20.88
N LYS A 211 -30.43 -14.36 20.70
CA LYS A 211 -29.34 -14.80 19.84
C LYS A 211 -28.03 -14.27 20.41
N ASN A 212 -27.02 -15.13 20.45
CA ASN A 212 -25.73 -14.72 20.97
C ASN A 212 -24.94 -13.99 19.90
N ALA A 213 -24.15 -13.01 20.33
CA ALA A 213 -23.15 -12.45 19.45
C ALA A 213 -22.04 -13.49 19.23
N LYS A 214 -21.66 -13.69 17.98
CA LYS A 214 -20.48 -14.47 17.68
C LYS A 214 -19.35 -13.51 17.34
N PRO A 215 -18.21 -13.59 18.02
CA PRO A 215 -17.15 -12.59 17.82
C PRO A 215 -16.43 -12.79 16.50
N GLY A 216 -15.95 -11.69 15.94
CA GLY A 216 -15.17 -11.74 14.73
C GLY A 216 -13.87 -12.49 14.91
N LYS A 217 -13.19 -12.74 13.79
CA LYS A 217 -11.98 -13.57 13.78
C LYS A 217 -10.72 -12.73 13.65
N THR A 218 -9.66 -13.22 14.29
CA THR A 218 -8.36 -12.54 14.28
C THR A 218 -7.80 -12.54 12.86
N LEU A 219 -7.06 -11.48 12.52
CA LEU A 219 -6.44 -11.36 11.20
C LEU A 219 -4.99 -10.92 11.38
N ALA A 220 -4.05 -11.75 10.93
CA ALA A 220 -2.64 -11.41 10.89
C ALA A 220 -2.29 -10.91 9.49
N LEU A 221 -1.88 -9.64 9.40
CA LEU A 221 -1.49 -9.07 8.12
C LEU A 221 -0.18 -9.67 7.60
N SER A 222 0.10 -9.44 6.31
CA SER A 222 1.43 -9.75 5.80
C SER A 222 2.46 -8.76 6.30
N ILE A 223 2.01 -7.59 6.74
CA ILE A 223 2.91 -6.52 7.14
C ILE A 223 3.77 -6.99 8.30
N ASP A 224 5.07 -6.69 8.21
CA ASP A 224 6.02 -6.85 9.32
C ASP A 224 6.24 -5.47 9.91
N LEU A 225 5.66 -5.24 11.11
CA LEU A 225 5.74 -3.92 11.72
C LEU A 225 7.17 -3.42 11.84
N ARG A 226 8.15 -4.33 12.03
CA ARG A 226 9.54 -3.90 12.10
C ARG A 226 10.00 -3.32 10.76
N LEU A 227 9.66 -3.99 9.65
CA LEU A 227 10.05 -3.49 8.35
C LEU A 227 9.20 -2.27 7.98
N GLN A 228 7.97 -2.25 8.47
CA GLN A 228 7.10 -1.10 8.23
C GLN A 228 7.65 0.15 8.91
N TYR A 229 8.10 0.03 10.17
CA TYR A 229 8.66 1.20 10.86
C TYR A 229 9.94 1.68 10.17
N LEU A 230 10.79 0.76 9.74
CA LEU A 230 12.00 1.16 9.05
C LEU A 230 11.64 1.92 7.76
N ALA A 231 10.69 1.39 6.99
CA ALA A 231 10.31 2.08 5.76
C ALA A 231 9.69 3.44 6.07
N HIS A 232 8.87 3.50 7.11
CA HIS A 232 8.26 4.75 7.53
C HIS A 232 9.31 5.79 7.90
N ARG A 233 10.25 5.43 8.77
CA ARG A 233 11.30 6.37 9.17
C ARG A 233 12.14 6.82 7.97
N GLU A 234 12.54 5.88 7.12
CA GLU A 234 13.43 6.23 6.01
C GLU A 234 12.70 7.03 4.93
N LEU A 235 11.43 6.73 4.69
CA LEU A 235 10.67 7.54 3.73
C LEU A 235 10.53 8.97 4.24
N ARG A 236 10.13 9.13 5.50
CA ARG A 236 9.93 10.46 6.06
C ARG A 236 11.23 11.28 6.01
N ASN A 237 12.35 10.65 6.34
CA ASN A 237 13.63 11.37 6.28
C ASN A 237 14.01 11.73 4.86
N ALA A 238 13.82 10.80 3.92
CA ALA A 238 14.12 11.09 2.51
C ALA A 238 13.29 12.26 1.99
N LEU A 239 12.00 12.32 2.37
CA LEU A 239 11.13 13.40 1.92
C LEU A 239 11.58 14.75 2.47
N LEU A 240 11.91 14.81 3.76
CA LEU A 240 12.39 16.05 4.36
C LEU A 240 13.71 16.49 3.73
N GLU A 241 14.62 15.55 3.51
CA GLU A 241 15.91 15.87 2.94
C GLU A 241 15.77 16.45 1.54
N ASN A 242 14.72 16.08 0.81
CA ASN A 242 14.52 16.50 -0.58
C ASN A 242 13.48 17.60 -0.73
N GLY A 243 12.93 18.11 0.37
CA GLY A 243 11.87 19.08 0.27
C GLY A 243 10.59 18.55 -0.33
N ALA A 244 10.43 17.23 -0.37
CA ALA A 244 9.26 16.59 -0.94
C ALA A 244 8.16 16.45 0.12
N LYS A 245 6.91 16.57 -0.32
CA LYS A 245 5.78 16.49 0.58
C LYS A 245 5.04 15.16 0.55
N ALA A 246 5.29 14.32 -0.46
CA ALA A 246 4.53 13.08 -0.58
C ALA A 246 5.44 11.98 -1.12
N GLY A 247 5.10 10.75 -0.80
CA GLY A 247 5.85 9.61 -1.29
C GLY A 247 5.27 8.32 -0.78
N SER A 248 5.89 7.22 -1.22
CA SER A 248 5.45 5.89 -0.78
C SER A 248 6.64 4.95 -0.86
N LEU A 249 6.55 3.86 -0.09
CA LEU A 249 7.58 2.83 -0.13
C LEU A 249 6.89 1.50 0.07
N VAL A 250 7.14 0.57 -0.85
CA VAL A 250 6.56 -0.76 -0.79
C VAL A 250 7.71 -1.76 -0.68
N ILE A 251 7.54 -2.78 0.18
CA ILE A 251 8.47 -3.91 0.28
C ILE A 251 7.65 -5.18 0.15
N MET A 252 8.10 -6.10 -0.70
CA MET A 252 7.36 -7.32 -0.94
C MET A 252 8.29 -8.52 -0.84
N ASP A 253 7.76 -9.61 -0.31
CA ASP A 253 8.46 -10.89 -0.30
C ASP A 253 8.31 -11.53 -1.67
N VAL A 254 9.42 -11.70 -2.40
CA VAL A 254 9.29 -12.21 -3.76
C VAL A 254 8.95 -13.69 -3.78
N LYS A 255 9.18 -14.42 -2.69
CA LYS A 255 8.91 -15.85 -2.67
C LYS A 255 7.48 -16.19 -2.22
N THR A 256 6.80 -15.26 -1.54
CA THR A 256 5.47 -15.54 -0.99
C THR A 256 4.38 -14.61 -1.49
N GLY A 257 4.73 -13.51 -2.16
CA GLY A 257 3.74 -12.53 -2.57
C GLY A 257 3.32 -11.58 -1.46
N GLU A 258 3.83 -11.74 -0.25
CA GLU A 258 3.38 -10.94 0.86
C GLU A 258 3.89 -9.50 0.76
N ILE A 259 3.00 -8.55 1.03
CA ILE A 259 3.40 -7.15 1.22
C ILE A 259 3.95 -7.01 2.64
N LEU A 260 5.25 -6.83 2.75
CA LEU A 260 5.91 -6.76 4.05
C LEU A 260 5.90 -5.36 4.64
N ALA A 261 5.81 -4.33 3.80
CA ALA A 261 5.72 -2.96 4.28
C ALA A 261 5.03 -2.17 3.18
N MET A 262 4.17 -1.24 3.59
CA MET A 262 3.48 -0.36 2.65
C MET A 262 3.26 0.94 3.40
N THR A 263 4.12 1.92 3.15
CA THR A 263 4.10 3.15 3.91
C THR A 263 3.98 4.32 2.96
N ASN A 264 3.20 5.32 3.37
CA ASN A 264 2.96 6.52 2.59
C ASN A 264 3.26 7.74 3.44
N GLN A 265 3.57 8.85 2.78
CA GLN A 265 3.64 10.15 3.41
C GLN A 265 2.90 11.15 2.54
N PRO A 266 2.11 12.07 3.14
CA PRO A 266 1.91 12.20 4.60
C PRO A 266 1.06 11.06 5.17
N THR A 267 1.05 10.93 6.48
CA THR A 267 0.25 9.93 7.16
C THR A 267 -0.50 10.64 8.29
N TYR A 268 -1.32 9.89 9.02
CA TYR A 268 -2.23 10.45 10.01
C TYR A 268 -2.34 9.46 11.15
N ASN A 269 -2.78 9.96 12.31
CA ASN A 269 -3.05 9.09 13.45
C ASN A 269 -4.50 8.64 13.41
N PRO A 270 -4.78 7.37 13.15
CA PRO A 270 -6.18 6.92 13.07
C PRO A 270 -6.93 6.96 14.40
N ASN A 271 -6.23 7.15 15.53
CA ASN A 271 -6.89 7.31 16.81
C ASN A 271 -7.37 8.73 17.05
N ASN A 272 -6.82 9.71 16.33
CA ASN A 272 -7.19 11.10 16.53
C ASN A 272 -7.75 11.66 15.23
N LEU A 276 -8.08 16.60 10.20
CA LEU A 276 -7.76 15.65 9.14
C LEU A 276 -7.54 16.43 7.85
N GLN A 277 -6.67 15.92 6.99
CA GLN A 277 -6.41 16.55 5.71
C GLN A 277 -6.45 15.48 4.62
N PRO A 278 -7.00 15.79 3.45
CA PRO A 278 -7.16 14.75 2.43
C PRO A 278 -5.83 14.24 1.92
N ALA A 279 -4.80 15.08 1.84
CA ALA A 279 -3.49 14.59 1.40
C ALA A 279 -2.99 13.47 2.29
N ALA A 280 -3.27 13.55 3.60
CA ALA A 280 -2.75 12.58 4.55
C ALA A 280 -3.44 11.23 4.43
N MET A 281 -4.69 11.21 3.94
CA MET A 281 -5.46 9.96 3.88
C MET A 281 -5.15 9.12 2.64
N ARG A 282 -4.50 9.69 1.64
CA ARG A 282 -4.22 8.95 0.41
C ARG A 282 -3.28 7.78 0.70
N ASN A 283 -3.77 6.56 0.46
CA ASN A 283 -2.92 5.37 0.43
C ASN A 283 -2.17 5.36 -0.91
N ARG A 284 -1.12 6.17 -0.97
CA ARG A 284 -0.47 6.49 -2.25
C ARG A 284 0.10 5.26 -2.93
N ALA A 285 0.64 4.31 -2.18
CA ALA A 285 1.19 3.10 -2.78
C ALA A 285 0.15 2.37 -3.62
N MET A 286 -1.13 2.51 -3.30
CA MET A 286 -2.16 1.84 -4.08
C MET A 286 -2.97 2.76 -4.96
N ILE A 287 -2.91 4.07 -4.76
CA ILE A 287 -3.79 4.97 -5.49
C ILE A 287 -3.03 6.02 -6.31
N ASP A 288 -1.79 6.35 -5.98
CA ASP A 288 -1.02 7.33 -6.77
C ASP A 288 -0.54 6.64 -8.05
N VAL A 289 -1.07 7.08 -9.19
CA VAL A 289 -0.78 6.45 -10.48
C VAL A 289 0.22 7.33 -11.23
N PHE A 290 1.21 6.71 -11.86
CA PHE A 290 2.26 7.47 -12.54
C PHE A 290 2.81 6.66 -13.70
N GLU A 291 3.32 7.35 -14.70
CA GLU A 291 4.13 6.72 -15.74
C GLU A 291 5.46 6.27 -15.14
N PRO A 292 5.81 4.99 -15.21
CA PRO A 292 6.99 4.50 -14.47
C PRO A 292 8.32 4.79 -15.14
N GLY A 293 8.32 5.27 -16.38
CA GLY A 293 9.57 5.62 -17.04
C GLY A 293 10.58 4.49 -17.09
N SER A 294 11.83 4.82 -16.74
CA SER A 294 12.94 3.89 -16.89
C SER A 294 12.82 2.65 -16.03
N THR A 295 12.02 2.67 -14.97
CA THR A 295 11.89 1.46 -14.16
C THR A 295 11.24 0.31 -14.90
N VAL A 296 10.65 0.52 -16.08
CA VAL A 296 10.12 -0.63 -16.81
C VAL A 296 10.99 -1.02 -17.99
N LYS A 297 12.12 -0.36 -18.20
CA LYS A 297 13.08 -0.85 -19.20
C LYS A 297 13.48 -2.32 -19.00
N PRO A 298 13.56 -2.84 -17.76
CA PRO A 298 13.88 -4.27 -17.63
C PRO A 298 12.86 -5.18 -18.29
N PHE A 299 11.59 -4.76 -18.33
CA PHE A 299 10.59 -5.59 -18.98
C PHE A 299 10.63 -5.44 -20.50
N SER A 300 11.00 -4.26 -21.01
CA SER A 300 11.30 -4.14 -22.44
C SER A 300 12.47 -5.04 -22.82
N MET A 301 13.50 -5.06 -21.98
CA MET A 301 14.66 -5.92 -22.19
C MET A 301 14.27 -7.39 -22.10
N SER A 302 13.39 -7.73 -21.14
CA SER A 302 12.89 -9.10 -21.08
C SER A 302 12.25 -9.49 -22.41
N ALA A 303 11.40 -8.61 -22.97
CA ALA A 303 10.83 -8.86 -24.29
C ALA A 303 11.92 -9.04 -25.34
N ALA A 304 12.95 -8.20 -25.31
CA ALA A 304 14.02 -8.32 -26.30
C ALA A 304 14.73 -9.66 -26.19
N LEU A 305 15.02 -10.10 -24.97
CA LEU A 305 15.68 -11.38 -24.83
C LEU A 305 14.77 -12.53 -25.21
N ALA A 306 13.46 -12.39 -24.95
CA ALA A 306 12.52 -13.44 -25.32
C ALA A 306 12.21 -13.46 -26.81
N SER A 307 12.52 -12.39 -27.55
CA SER A 307 12.19 -12.35 -28.97
C SER A 307 13.05 -13.30 -29.79
N GLY A 308 14.18 -13.74 -29.23
CA GLY A 308 15.16 -14.52 -29.96
C GLY A 308 16.15 -13.71 -30.78
N ARG A 309 16.05 -12.37 -30.78
CA ARG A 309 16.86 -11.53 -31.67
C ARG A 309 17.95 -10.76 -30.96
N TRP A 310 18.11 -10.93 -29.64
CA TRP A 310 19.03 -10.11 -28.86
C TRP A 310 19.73 -10.95 -27.81
N LYS A 311 21.06 -11.03 -27.88
CA LYS A 311 21.87 -11.53 -26.79
C LYS A 311 22.15 -10.41 -25.81
N PRO A 312 22.48 -10.72 -24.56
CA PRO A 312 22.86 -9.65 -23.63
C PRO A 312 24.09 -8.88 -24.07
N SER A 313 24.99 -9.52 -24.83
CA SER A 313 26.17 -8.83 -25.32
C SER A 313 25.95 -8.14 -26.65
N ASP A 314 24.78 -8.30 -27.29
CA ASP A 314 24.54 -7.60 -28.54
C ASP A 314 24.59 -6.10 -28.32
N ILE A 315 24.87 -5.37 -29.40
CA ILE A 315 25.25 -3.97 -29.38
C ILE A 315 24.14 -3.12 -29.99
N VAL A 316 23.97 -1.92 -29.45
CA VAL A 316 23.13 -0.89 -30.06
C VAL A 316 23.95 0.39 -30.14
N ASP A 317 23.95 1.05 -31.28
CA ASP A 317 24.59 2.35 -31.41
C ASP A 317 23.59 3.43 -31.02
N VAL A 318 23.84 4.11 -29.89
CA VAL A 318 22.94 5.15 -29.41
C VAL A 318 23.47 6.54 -29.68
N TYR A 319 24.65 6.65 -30.30
CA TYR A 319 25.22 7.95 -30.59
C TYR A 319 24.27 8.74 -31.49
N PRO A 320 24.10 10.04 -31.27
CA PRO A 320 24.75 10.86 -30.24
C PRO A 320 23.88 11.05 -28.99
N GLY A 321 23.11 10.05 -28.59
CA GLY A 321 22.23 10.19 -27.44
C GLY A 321 20.93 10.89 -27.75
N THR A 322 20.61 11.09 -29.02
CA THR A 322 19.31 11.59 -29.44
C THR A 322 18.83 10.74 -30.60
N LEU A 323 17.52 10.73 -30.79
CA LEU A 323 16.89 9.97 -31.86
C LEU A 323 15.62 10.70 -32.26
N GLN A 324 15.54 11.09 -33.53
CA GLN A 324 14.37 11.77 -34.06
C GLN A 324 13.39 10.73 -34.60
N ILE A 325 12.14 10.83 -34.18
CA ILE A 325 11.05 9.99 -34.67
C ILE A 325 10.00 10.94 -35.23
N GLY A 326 9.90 11.02 -36.55
CA GLY A 326 9.06 12.02 -37.17
C GLY A 326 9.39 13.40 -36.64
N ARG A 327 8.60 13.89 -35.67
CA ARG A 327 8.75 15.23 -35.12
C ARG A 327 9.36 15.24 -33.72
N TYR A 328 9.05 14.26 -32.87
CA TYR A 328 9.61 14.25 -31.52
C TYR A 328 11.09 13.86 -31.55
N THR A 329 11.83 14.30 -30.53
CA THR A 329 13.23 13.89 -30.37
C THR A 329 13.39 13.21 -29.02
N ILE A 330 13.78 11.95 -29.04
CA ILE A 330 14.18 11.24 -27.82
C ILE A 330 15.58 11.71 -27.42
N ARG A 331 15.77 12.01 -26.13
CA ARG A 331 17.04 12.52 -25.62
C ARG A 331 17.49 11.69 -24.42
N ASP A 332 18.64 11.05 -24.53
CA ASP A 332 19.22 10.30 -23.41
C ASP A 332 19.70 11.28 -22.33
N VAL A 333 19.67 10.83 -21.08
CA VAL A 333 20.22 11.65 -20.00
C VAL A 333 21.76 11.60 -20.00
N SER A 334 22.34 10.49 -20.42
CA SER A 334 23.77 10.25 -20.42
C SER A 334 24.21 10.02 -21.86
N ARG A 335 24.81 11.06 -22.47
CA ARG A 335 25.08 11.06 -23.90
C ARG A 335 26.58 11.03 -24.18
N ASN A 336 27.28 10.11 -23.52
CA ASN A 336 28.68 9.83 -23.79
C ASN A 336 28.83 8.39 -24.27
N SER A 337 27.93 7.96 -25.14
CA SER A 337 27.92 6.56 -25.54
C SER A 337 27.78 6.46 -27.05
N ARG A 338 28.43 5.44 -27.60
CA ARG A 338 28.16 5.03 -28.96
C ARG A 338 27.59 3.65 -28.89
N GLN A 339 28.41 2.59 -28.94
CA GLN A 339 27.90 1.24 -28.83
C GLN A 339 27.70 0.90 -27.37
N LEU A 340 26.51 0.39 -27.04
CA LEU A 340 26.19 -0.11 -25.71
C LEU A 340 25.65 -1.53 -25.84
N ASP A 341 26.08 -2.44 -24.96
CA ASP A 341 25.40 -3.72 -24.95
C ASP A 341 24.12 -3.60 -24.14
N LEU A 342 23.39 -4.72 -23.99
CA LEU A 342 22.09 -4.64 -23.37
C LEU A 342 22.21 -4.22 -21.91
N THR A 343 23.22 -4.72 -21.22
CA THR A 343 23.47 -4.27 -19.86
C THR A 343 23.81 -2.78 -19.84
N GLY A 344 24.63 -2.33 -20.81
CA GLY A 344 25.00 -0.93 -20.86
C GLY A 344 23.82 -0.01 -21.09
N ILE A 345 22.82 -0.46 -21.84
CA ILE A 345 21.62 0.34 -22.06
C ILE A 345 20.87 0.59 -20.74
N LEU A 346 20.88 -0.40 -19.85
CA LEU A 346 20.26 -0.20 -18.53
C LEU A 346 21.17 0.60 -17.60
N ILE A 347 22.49 0.34 -17.64
CA ILE A 347 23.41 1.13 -16.80
C ILE A 347 23.29 2.60 -17.13
N LYS A 348 23.39 2.96 -18.42
CA LYS A 348 23.26 4.35 -18.80
C LYS A 348 21.81 4.82 -18.83
N SER A 349 20.84 3.91 -18.76
CA SER A 349 19.42 4.23 -18.85
C SER A 349 19.13 5.03 -20.13
N SER A 350 19.51 4.44 -21.26
CA SER A 350 19.45 5.09 -22.57
C SER A 350 18.08 4.86 -23.18
N ASN A 351 17.27 5.93 -23.26
CA ASN A 351 16.00 5.85 -23.96
C ASN A 351 16.21 5.56 -25.44
N VAL A 352 17.30 6.05 -26.02
CA VAL A 352 17.59 5.78 -27.42
C VAL A 352 17.83 4.30 -27.64
N GLY A 353 18.62 3.69 -26.77
CA GLY A 353 18.91 2.27 -26.92
C GLY A 353 17.66 1.42 -26.85
N ILE A 354 16.83 1.66 -25.83
CA ILE A 354 15.64 0.83 -25.65
C ILE A 354 14.66 1.05 -26.80
N SER A 355 14.61 2.27 -27.36
CA SER A 355 13.75 2.56 -28.50
C SER A 355 14.19 1.75 -29.72
N LYS A 356 15.50 1.77 -30.02
CA LYS A 356 16.02 1.05 -31.18
C LYS A 356 15.75 -0.46 -31.05
N ILE A 357 15.93 -1.00 -29.84
CA ILE A 357 15.58 -2.40 -29.62
C ILE A 357 14.08 -2.59 -29.81
N ALA A 358 13.26 -1.66 -29.30
CA ALA A 358 11.81 -1.79 -29.42
C ALA A 358 11.36 -1.80 -30.89
N PHE A 359 11.97 -0.95 -31.72
CA PHE A 359 11.64 -0.95 -33.14
C PHE A 359 11.91 -2.32 -33.75
N ASP A 360 12.99 -2.97 -33.32
CA ASP A 360 13.37 -4.23 -33.91
C ASP A 360 12.42 -5.37 -33.53
N ILE A 361 12.00 -5.44 -32.26
CA ILE A 361 11.17 -6.56 -31.81
C ILE A 361 9.67 -6.28 -31.89
N GLY A 362 9.27 -5.03 -32.04
CA GLY A 362 7.86 -4.70 -32.05
C GLY A 362 7.27 -4.46 -30.66
N ALA A 363 6.35 -3.51 -30.58
CA ALA A 363 5.76 -3.16 -29.30
C ALA A 363 4.86 -4.26 -28.75
N GLU A 364 4.27 -5.08 -29.62
CA GLU A 364 3.40 -6.15 -29.12
C GLU A 364 4.11 -6.99 -28.06
N SER A 365 5.37 -7.37 -28.33
CA SER A 365 6.09 -8.25 -27.40
C SER A 365 6.39 -7.55 -26.08
N ILE A 366 6.54 -6.22 -26.13
CA ILE A 366 6.79 -5.44 -24.92
C ILE A 366 5.50 -5.29 -24.12
N TYR A 367 4.43 -4.84 -24.77
CA TYR A 367 3.10 -4.85 -24.19
C TYR A 367 2.82 -6.18 -23.49
N SER A 368 3.10 -7.28 -24.20
CA SER A 368 2.73 -8.58 -23.69
C SER A 368 3.46 -8.90 -22.39
N VAL A 369 4.76 -8.57 -22.31
CA VAL A 369 5.48 -8.79 -21.06
C VAL A 369 4.93 -7.89 -19.96
N MET A 370 4.64 -6.63 -20.29
CA MET A 370 4.15 -5.72 -19.27
C MET A 370 2.78 -6.16 -18.76
N GLN A 371 1.92 -6.64 -19.65
CA GLN A 371 0.63 -7.15 -19.22
C GLN A 371 0.81 -8.37 -18.30
N GLN A 372 1.69 -9.29 -18.70
CA GLN A 372 1.86 -10.53 -17.95
C GLN A 372 2.38 -10.27 -16.54
N VAL A 373 3.30 -9.30 -16.36
CA VAL A 373 3.80 -9.03 -15.01
C VAL A 373 2.87 -8.12 -14.22
N GLY A 374 1.76 -7.65 -14.81
CA GLY A 374 0.70 -6.98 -14.07
C GLY A 374 0.69 -5.47 -14.10
N LEU A 375 1.62 -4.84 -14.84
CA LEU A 375 1.63 -3.39 -14.91
C LEU A 375 0.37 -2.92 -15.60
N GLY A 376 -0.34 -1.99 -14.96
CA GLY A 376 -1.61 -1.56 -15.50
C GLY A 376 -2.73 -2.57 -15.42
N GLN A 377 -2.55 -3.64 -14.64
CA GLN A 377 -3.58 -4.66 -14.50
C GLN A 377 -4.10 -4.70 -13.06
N ASP A 378 -5.32 -5.18 -12.91
CA ASP A 378 -5.91 -5.38 -11.59
C ASP A 378 -5.03 -6.31 -10.77
N THR A 379 -4.61 -5.84 -9.58
CA THR A 379 -3.76 -6.60 -8.69
C THR A 379 -4.49 -7.75 -8.01
N GLY A 380 -5.82 -7.74 -8.04
CA GLY A 380 -6.61 -8.76 -7.41
C GLY A 380 -6.74 -8.65 -5.91
N LEU A 381 -6.04 -7.70 -5.26
CA LEU A 381 -6.08 -7.64 -3.80
C LEU A 381 -7.46 -7.35 -3.25
N GLY A 382 -8.35 -6.73 -4.03
CA GLY A 382 -9.62 -6.32 -3.50
C GLY A 382 -9.52 -5.25 -2.44
N PHE A 383 -8.38 -4.58 -2.37
CA PHE A 383 -8.21 -3.50 -1.41
C PHE A 383 -9.05 -2.30 -1.84
N PRO A 384 -9.76 -1.66 -0.91
CA PRO A 384 -10.71 -0.62 -1.31
C PRO A 384 -9.99 0.61 -1.83
N GLY A 385 -10.51 1.16 -2.94
CA GLY A 385 -9.92 2.31 -3.59
C GLY A 385 -8.68 2.03 -4.42
N GLU A 386 -8.11 0.83 -4.33
CA GLU A 386 -6.95 0.47 -5.14
C GLU A 386 -7.17 0.82 -6.60
N ARG A 387 -6.17 1.45 -7.21
CA ARG A 387 -6.29 1.84 -8.61
C ARG A 387 -5.47 0.91 -9.49
N VAL A 388 -5.80 0.93 -10.79
CA VAL A 388 -5.27 -0.02 -11.75
C VAL A 388 -4.27 0.61 -12.71
N GLY A 389 -4.33 1.91 -12.93
CA GLY A 389 -3.51 2.50 -13.95
C GLY A 389 -4.06 2.14 -15.33
N ASN A 390 -3.17 2.16 -16.31
CA ASN A 390 -3.61 1.90 -17.68
C ASN A 390 -2.43 1.46 -18.51
N LEU A 391 -2.54 0.30 -19.14
CA LEU A 391 -1.58 -0.17 -20.12
C LEU A 391 -2.31 -0.28 -21.46
N PRO A 392 -2.27 0.76 -22.28
CA PRO A 392 -3.04 0.74 -23.54
C PRO A 392 -2.57 -0.37 -24.45
N ASN A 393 -3.52 -1.12 -24.99
CA ASN A 393 -3.21 -2.14 -25.99
C ASN A 393 -3.55 -1.57 -27.36
N HIS A 394 -2.57 -0.90 -28.00
CA HIS A 394 -2.78 -0.29 -29.31
C HIS A 394 -2.91 -1.30 -30.45
N ARG A 395 -2.57 -2.58 -30.20
CA ARG A 395 -2.68 -3.65 -31.19
C ARG A 395 -1.62 -3.51 -32.28
N LYS A 396 -1.57 -2.36 -32.95
CA LYS A 396 -0.39 -2.02 -33.73
C LYS A 396 0.05 -0.63 -33.31
N TRP A 397 1.36 -0.48 -33.06
CA TRP A 397 1.95 0.74 -32.52
C TRP A 397 2.83 1.40 -33.57
N PRO A 398 2.61 2.67 -33.96
CA PRO A 398 3.61 3.36 -34.80
C PRO A 398 4.92 3.56 -34.05
N LYS A 399 5.90 4.19 -34.70
CA LYS A 399 7.23 4.27 -34.11
C LYS A 399 7.21 4.98 -32.76
N ALA A 400 6.64 6.19 -32.71
CA ALA A 400 6.67 7.00 -31.49
C ALA A 400 6.01 6.28 -30.31
N GLU A 401 4.84 5.68 -30.54
CA GLU A 401 4.19 4.96 -29.44
C GLU A 401 4.99 3.73 -29.04
N THR A 402 5.66 3.09 -29.99
CA THR A 402 6.54 1.95 -29.68
C THR A 402 7.65 2.38 -28.74
N ALA A 403 8.36 3.44 -29.09
CA ALA A 403 9.45 3.92 -28.25
C ALA A 403 8.91 4.34 -26.88
N THR A 404 7.81 5.10 -26.88
CA THR A 404 7.24 5.65 -25.65
C THR A 404 6.84 4.54 -24.67
N LEU A 405 6.29 3.44 -25.18
CA LEU A 405 6.00 2.32 -24.31
C LEU A 405 7.28 1.72 -23.77
N ALA A 406 8.26 1.54 -24.65
CA ALA A 406 9.51 0.86 -24.30
C ALA A 406 10.25 1.57 -23.16
N TYR A 407 10.22 2.90 -23.11
CA TYR A 407 10.91 3.57 -22.00
C TYR A 407 9.95 4.10 -20.96
N GLY A 408 8.74 3.56 -20.91
CA GLY A 408 7.91 3.68 -19.72
C GLY A 408 7.05 4.91 -19.60
N TYR A 409 6.86 5.69 -20.66
CA TYR A 409 5.93 6.81 -20.61
C TYR A 409 4.64 6.53 -21.37
N GLY A 410 4.46 5.31 -21.87
CA GLY A 410 3.25 4.87 -22.56
C GLY A 410 2.27 4.14 -21.67
N LEU A 411 2.46 4.14 -20.35
CA LEU A 411 1.59 3.40 -19.46
C LEU A 411 1.57 4.12 -18.14
N SER A 412 0.60 3.76 -17.29
CA SER A 412 0.42 4.29 -15.95
C SER A 412 0.28 3.14 -14.96
N VAL A 413 1.06 3.16 -13.87
CA VAL A 413 1.05 2.08 -12.89
C VAL A 413 1.00 2.64 -11.47
N THR A 414 0.78 1.76 -10.50
CA THR A 414 0.94 2.09 -9.10
C THR A 414 2.22 1.47 -8.55
N ALA A 415 2.61 1.93 -7.37
CA ALA A 415 3.83 1.41 -6.74
C ALA A 415 3.67 -0.06 -6.39
N ILE A 416 2.49 -0.45 -5.91
CA ILE A 416 2.22 -1.87 -5.66
C ILE A 416 2.47 -2.68 -6.93
N GLN A 417 1.94 -2.20 -8.06
CA GLN A 417 2.09 -2.94 -9.31
C GLN A 417 3.56 -3.04 -9.71
N LEU A 418 4.29 -1.93 -9.63
CA LEU A 418 5.69 -1.97 -10.02
C LEU A 418 6.47 -2.95 -9.14
N ALA A 419 6.18 -2.97 -7.85
CA ALA A 419 6.86 -3.89 -6.93
C ALA A 419 6.51 -5.34 -7.25
N HIS A 420 5.23 -5.62 -7.47
CA HIS A 420 4.82 -6.97 -7.87
C HIS A 420 5.54 -7.40 -9.14
N ALA A 421 5.64 -6.49 -10.13
CA ALA A 421 6.31 -6.81 -11.38
C ALA A 421 7.79 -7.14 -11.16
N TYR A 422 8.46 -6.35 -10.31
CA TYR A 422 9.85 -6.66 -9.97
C TYR A 422 9.98 -7.94 -9.17
N ALA A 423 9.00 -8.23 -8.29
CA ALA A 423 9.02 -9.48 -7.55
C ALA A 423 9.01 -10.68 -8.49
N ALA A 424 8.20 -10.63 -9.57
CA ALA A 424 8.16 -11.76 -10.49
C ALA A 424 9.50 -11.90 -11.23
N LEU A 425 10.09 -10.78 -11.63
CA LEU A 425 11.42 -10.79 -12.24
C LEU A 425 12.45 -11.40 -11.29
N ALA A 426 12.40 -11.02 -10.01
CA ALA A 426 13.36 -11.52 -9.02
C ALA A 426 13.15 -12.99 -8.75
N ASN A 427 11.90 -13.45 -8.75
CA ASN A 427 11.55 -14.83 -8.46
C ASN A 427 11.68 -15.71 -9.70
N ASP A 428 12.72 -15.46 -10.51
CA ASP A 428 13.02 -16.23 -11.72
C ASP A 428 11.84 -16.28 -12.69
N GLY A 429 11.10 -15.16 -12.81
CA GLY A 429 10.02 -15.06 -13.77
C GLY A 429 8.67 -15.58 -13.32
N LYS A 430 8.56 -16.11 -12.10
CA LYS A 430 7.31 -16.65 -11.61
C LYS A 430 6.64 -15.62 -10.69
N SER A 431 5.42 -15.23 -11.03
CA SER A 431 4.65 -14.25 -10.26
C SER A 431 3.84 -14.94 -9.18
N VAL A 432 4.20 -14.72 -7.92
CA VAL A 432 3.43 -15.25 -6.80
C VAL A 432 2.30 -14.26 -6.46
N PRO A 433 1.06 -14.71 -6.29
CA PRO A 433 -0.06 -13.78 -6.09
C PRO A 433 0.10 -12.91 -4.85
N LEU A 434 -0.22 -11.63 -5.01
CA LEU A 434 -0.09 -10.63 -3.95
C LEU A 434 -1.02 -10.95 -2.78
N SER A 435 -0.54 -10.64 -1.59
CA SER A 435 -1.37 -10.81 -0.41
C SER A 435 -1.05 -9.70 0.59
N MET A 436 -2.10 -9.21 1.25
CA MET A 436 -1.96 -8.28 2.36
C MET A 436 -2.09 -8.98 3.71
N THR A 437 -2.31 -10.29 3.72
CA THR A 437 -2.43 -11.06 4.94
C THR A 437 -1.34 -12.12 4.99
N ARG A 438 -1.01 -12.57 6.21
CA ARG A 438 0.06 -13.53 6.38
C ARG A 438 -0.20 -14.78 5.56
N VAL A 439 0.79 -15.19 4.78
CA VAL A 439 0.70 -16.34 3.89
C VAL A 439 1.44 -17.50 4.56
N ASP A 440 0.69 -18.50 5.00
CA ASP A 440 1.29 -19.70 5.55
C ASP A 440 1.43 -20.81 4.51
N ARG A 441 0.40 -21.00 3.67
CA ARG A 441 0.49 -21.88 2.50
C ARG A 441 0.57 -21.03 1.22
N VAL A 442 1.73 -20.99 0.58
CA VAL A 442 1.92 -20.10 -0.56
C VAL A 442 1.24 -20.70 -1.79
N PRO A 443 0.38 -19.95 -2.50
CA PRO A 443 -0.20 -20.48 -3.74
C PRO A 443 0.88 -20.64 -4.80
N ASP A 444 0.60 -21.51 -5.76
CA ASP A 444 1.50 -21.68 -6.89
C ASP A 444 1.57 -20.39 -7.69
N GLY A 445 2.78 -20.02 -8.11
CA GLY A 445 2.93 -18.85 -8.95
C GLY A 445 2.63 -19.16 -10.40
N VAL A 446 2.59 -18.09 -11.19
CA VAL A 446 2.43 -18.17 -12.64
C VAL A 446 3.76 -17.74 -13.27
N GLN A 447 4.32 -18.61 -14.09
CA GLN A 447 5.50 -18.29 -14.91
C GLN A 447 5.10 -17.23 -15.93
N VAL A 448 5.45 -15.97 -15.67
CA VAL A 448 5.10 -14.89 -16.58
C VAL A 448 6.28 -14.43 -17.45
N ILE A 449 7.52 -14.73 -17.04
CA ILE A 449 8.72 -14.55 -17.85
C ILE A 449 9.49 -15.85 -17.77
N SER A 450 10.00 -16.32 -18.89
CA SER A 450 10.76 -17.57 -18.88
C SER A 450 11.91 -17.47 -17.87
N PRO A 451 12.24 -18.55 -17.16
CA PRO A 451 13.30 -18.47 -16.14
C PRO A 451 14.64 -18.00 -16.70
N GLU A 452 14.99 -18.39 -17.94
CA GLU A 452 16.27 -17.98 -18.52
C GLU A 452 16.33 -16.48 -18.75
N VAL A 453 15.27 -15.91 -19.33
CA VAL A 453 15.22 -14.47 -19.53
C VAL A 453 15.27 -13.73 -18.19
N ALA A 454 14.43 -14.16 -17.23
CA ALA A 454 14.42 -13.49 -15.92
C ALA A 454 15.79 -13.53 -15.27
N SER A 455 16.43 -14.71 -15.23
CA SER A 455 17.74 -14.80 -14.61
C SER A 455 18.74 -13.91 -15.33
N THR A 456 18.65 -13.84 -16.66
CA THR A 456 19.50 -12.92 -17.41
C THR A 456 19.23 -11.46 -17.05
N VAL A 457 17.95 -11.08 -16.94
CA VAL A 457 17.65 -9.69 -16.59
C VAL A 457 18.06 -9.40 -15.15
N GLN A 458 17.88 -10.38 -14.25
CA GLN A 458 18.43 -10.22 -12.90
C GLN A 458 19.90 -9.82 -12.94
N GLY A 459 20.73 -10.60 -13.67
CA GLY A 459 22.15 -10.30 -13.72
C GLY A 459 22.44 -8.91 -14.28
N MET A 460 21.72 -8.53 -15.34
CA MET A 460 21.87 -7.17 -15.86
C MET A 460 21.56 -6.13 -14.79
N LEU A 461 20.48 -6.33 -14.03
CA LEU A 461 20.10 -5.36 -13.01
C LEU A 461 21.11 -5.35 -11.86
N GLN A 462 21.75 -6.49 -11.59
CA GLN A 462 22.82 -6.52 -10.60
C GLN A 462 23.96 -5.60 -11.02
N GLN A 463 24.34 -5.65 -12.31
CA GLN A 463 25.42 -4.82 -12.83
C GLN A 463 25.03 -3.36 -12.84
N VAL A 464 23.74 -3.05 -13.02
CA VAL A 464 23.30 -1.64 -12.90
C VAL A 464 23.68 -1.08 -11.53
N VAL A 465 23.56 -1.89 -10.48
CA VAL A 465 23.87 -1.37 -9.15
C VAL A 465 25.39 -1.36 -8.90
N GLU A 466 26.08 -2.42 -9.30
CA GLU A 466 27.49 -2.56 -8.95
C GLU A 466 28.42 -1.72 -9.83
N ALA A 467 27.99 -1.40 -11.06
CA ALA A 467 28.56 -0.30 -11.85
C ALA A 467 30.02 -0.52 -12.30
N VAL A 471 24.51 2.94 -10.88
CA VAL A 471 24.01 3.79 -9.80
C VAL A 471 24.63 3.36 -8.47
N PHE A 472 25.88 3.79 -8.24
CA PHE A 472 26.64 3.28 -7.09
C PHE A 472 25.94 3.58 -5.77
N ARG A 473 25.16 4.66 -5.70
CA ARG A 473 24.47 5.03 -4.47
C ARG A 473 23.41 4.02 -4.04
N ALA A 474 23.07 3.05 -4.88
CA ALA A 474 22.07 2.05 -4.52
C ALA A 474 22.69 0.79 -3.94
N GLN A 475 24.03 0.71 -3.89
CA GLN A 475 24.69 -0.49 -3.38
C GLN A 475 24.30 -0.75 -1.92
N VAL A 476 24.04 -2.01 -1.62
CA VAL A 476 23.62 -2.45 -0.28
C VAL A 476 24.81 -3.15 0.36
N PRO A 477 25.49 -2.53 1.32
CA PRO A 477 26.71 -3.12 1.88
C PRO A 477 26.46 -4.49 2.50
N GLY A 478 27.31 -5.46 2.12
CA GLY A 478 27.18 -6.82 2.56
C GLY A 478 26.42 -7.72 1.61
N TYR A 479 25.75 -7.13 0.60
CA TYR A 479 24.87 -7.88 -0.26
C TYR A 479 25.06 -7.45 -1.71
N HIS A 480 24.80 -8.37 -2.62
CA HIS A 480 24.58 -8.03 -4.02
C HIS A 480 23.10 -7.65 -4.19
N ALA A 481 22.85 -6.44 -4.67
CA ALA A 481 21.50 -5.95 -4.94
C ALA A 481 21.34 -5.67 -6.43
N ALA A 482 20.09 -5.49 -6.83
CA ALA A 482 19.78 -5.26 -8.23
C ALA A 482 18.63 -4.26 -8.28
N GLY A 483 18.60 -3.44 -9.31
CA GLY A 483 17.54 -2.47 -9.39
C GLY A 483 17.80 -1.45 -10.48
N LYS A 484 16.86 -0.52 -10.59
CA LYS A 484 16.84 0.44 -11.67
C LYS A 484 16.10 1.68 -11.17
N SER A 485 16.69 2.84 -11.39
CA SER A 485 16.05 4.09 -11.01
C SER A 485 15.22 4.63 -12.17
N GLY A 486 14.44 5.67 -11.90
CA GLY A 486 13.67 6.29 -12.95
C GLY A 486 13.11 7.62 -12.49
N THR A 487 12.59 8.38 -13.45
CA THR A 487 11.86 9.61 -13.17
C THR A 487 10.45 9.45 -13.70
N ALA A 488 9.49 9.43 -12.79
CA ALA A 488 8.09 9.26 -13.14
C ALA A 488 7.48 10.60 -13.49
N ARG A 489 6.39 10.54 -14.25
CA ARG A 489 5.64 11.72 -14.68
C ARG A 489 4.17 11.54 -14.36
N LYS A 490 3.50 12.67 -14.09
CA LYS A 490 2.05 12.72 -13.89
C LYS A 490 1.57 14.18 -13.96
N TYR A 503 6.65 15.48 -11.47
CA TYR A 503 7.71 14.46 -11.53
C TYR A 503 7.90 13.73 -10.20
N ARG A 504 8.19 12.44 -10.27
CA ARG A 504 8.51 11.65 -9.09
C ARG A 504 9.85 10.97 -9.33
N SER A 505 10.64 10.85 -8.28
CA SER A 505 11.85 10.05 -8.30
C SER A 505 11.52 8.64 -7.84
N LEU A 506 12.02 7.64 -8.58
CA LEU A 506 11.69 6.23 -8.39
C LEU A 506 12.95 5.39 -8.27
N PHE A 507 12.86 4.34 -7.47
CA PHE A 507 13.77 3.21 -7.57
C PHE A 507 12.98 1.93 -7.32
N ALA A 508 13.21 0.94 -8.15
CA ALA A 508 12.65 -0.40 -7.99
C ALA A 508 13.81 -1.38 -8.03
N GLY A 509 13.79 -2.34 -7.12
CA GLY A 509 14.85 -3.32 -7.14
C GLY A 509 14.58 -4.43 -6.14
N PHE A 510 15.57 -5.31 -6.01
CA PHE A 510 15.39 -6.50 -5.21
C PHE A 510 16.76 -6.94 -4.74
N ALA A 511 16.78 -7.80 -3.74
CA ALA A 511 18.03 -8.25 -3.15
C ALA A 511 17.75 -9.46 -2.28
N PRO A 512 18.76 -10.30 -2.01
CA PRO A 512 20.09 -10.29 -2.64
C PRO A 512 20.04 -10.88 -4.04
N ALA A 513 20.99 -10.51 -4.91
CA ALA A 513 20.94 -10.96 -6.30
C ALA A 513 21.09 -12.48 -6.44
N THR A 514 21.78 -13.13 -5.51
CA THR A 514 22.02 -14.57 -5.66
C THR A 514 20.81 -15.44 -5.41
N ASP A 515 19.86 -14.97 -4.62
CA ASP A 515 18.65 -15.70 -4.29
C ASP A 515 17.69 -14.64 -3.76
N PRO A 516 17.01 -13.92 -4.64
CA PRO A 516 16.29 -12.71 -4.19
C PRO A 516 15.26 -13.02 -3.12
N ARG A 517 15.18 -12.14 -2.13
CA ARG A 517 14.23 -12.32 -1.04
C ARG A 517 13.15 -11.24 -1.02
N ILE A 518 13.51 -9.98 -1.22
CA ILE A 518 12.51 -8.91 -1.14
C ILE A 518 12.71 -7.94 -2.29
N ALA A 519 11.59 -7.42 -2.80
CA ALA A 519 11.56 -6.36 -3.79
C ALA A 519 11.03 -5.08 -3.14
N MET A 520 11.44 -3.95 -3.70
CA MET A 520 11.14 -2.67 -3.08
C MET A 520 10.92 -1.62 -4.16
N VAL A 521 9.91 -0.77 -3.97
CA VAL A 521 9.72 0.41 -4.79
C VAL A 521 9.67 1.63 -3.89
N VAL A 522 10.50 2.62 -4.21
CA VAL A 522 10.51 3.92 -3.54
C VAL A 522 9.95 4.95 -4.52
N VAL A 523 8.96 5.73 -4.08
CA VAL A 523 8.42 6.83 -4.86
C VAL A 523 8.52 8.11 -4.03
N ILE A 524 9.23 9.11 -4.56
CA ILE A 524 9.38 10.40 -3.88
C ILE A 524 8.82 11.48 -4.80
N ASP A 525 7.78 12.20 -4.33
CA ASP A 525 7.10 13.23 -5.11
C ASP A 525 7.92 14.52 -5.03
N GLU A 526 8.67 14.81 -6.09
CA GLU A 526 9.62 15.91 -6.06
C GLU A 526 8.92 17.27 -6.11
N PRO A 527 9.49 18.31 -5.46
CA PRO A 527 8.96 19.68 -5.50
C PRO A 527 8.94 20.28 -6.90
N TYR A 532 18.68 17.31 -10.01
CA TYR A 532 18.46 16.60 -8.76
C TYR A 532 17.14 15.85 -8.86
N PHE A 533 17.09 15.00 -9.88
CA PHE A 533 15.96 14.14 -10.20
C PHE A 533 16.44 12.71 -10.32
N GLY A 534 15.55 11.77 -10.02
CA GLY A 534 15.81 10.38 -10.36
C GLY A 534 16.79 9.65 -9.47
N GLY A 535 17.74 8.93 -10.08
CA GLY A 535 18.58 8.00 -9.36
C GLY A 535 19.31 8.59 -8.17
N LEU A 536 19.69 9.87 -8.26
CA LEU A 536 20.41 10.47 -7.15
C LEU A 536 19.56 10.62 -5.90
N VAL A 537 18.24 10.67 -6.05
CA VAL A 537 17.35 10.88 -4.91
C VAL A 537 16.87 9.56 -4.32
N SER A 538 16.41 8.65 -5.18
CA SER A 538 15.72 7.45 -4.73
C SER A 538 16.67 6.31 -4.39
N ALA A 539 17.83 6.24 -5.05
CA ALA A 539 18.76 5.14 -4.80
C ALA A 539 19.26 5.04 -3.37
N PRO A 540 19.65 6.14 -2.69
CA PRO A 540 20.10 5.97 -1.29
C PRO A 540 19.01 5.47 -0.38
N VAL A 541 17.74 5.82 -0.66
CA VAL A 541 16.63 5.28 0.12
C VAL A 541 16.57 3.76 -0.03
N PHE A 542 16.57 3.28 -1.27
CA PHE A 542 16.63 1.85 -1.51
C PHE A 542 17.77 1.21 -0.74
N SER A 543 18.99 1.76 -0.88
CA SER A 543 20.17 1.20 -0.22
C SER A 543 19.93 1.06 1.28
N LYS A 544 19.44 2.12 1.92
CA LYS A 544 19.27 2.11 3.37
C LYS A 544 18.09 1.23 3.82
N VAL A 545 16.97 1.25 3.09
CA VAL A 545 15.86 0.40 3.53
C VAL A 545 16.19 -1.07 3.28
N MET A 546 16.81 -1.37 2.13
CA MET A 546 17.20 -2.74 1.83
C MET A 546 18.24 -3.25 2.83
N ALA A 547 19.24 -2.43 3.17
CA ALA A 547 20.20 -2.80 4.20
C ALA A 547 19.51 -3.18 5.50
N GLY A 548 18.61 -2.32 5.99
CA GLY A 548 17.89 -2.64 7.22
C GLY A 548 16.94 -3.82 7.07
N ALA A 549 16.21 -3.89 5.95
CA ALA A 549 15.20 -4.92 5.79
C ALA A 549 15.84 -6.31 5.73
N LEU A 550 16.93 -6.47 4.96
CA LEU A 550 17.56 -7.78 4.86
C LEU A 550 18.08 -8.25 6.20
N ARG A 551 18.64 -7.35 6.99
CA ARG A 551 19.12 -7.71 8.32
C ARG A 551 17.98 -8.02 9.28
N LEU A 552 16.88 -7.26 9.21
CA LEU A 552 15.71 -7.61 10.03
C LEU A 552 15.17 -9.00 9.69
N MET A 553 15.33 -9.44 8.45
CA MET A 553 14.85 -10.75 8.02
C MET A 553 15.95 -11.81 8.09
N ASN A 554 17.08 -11.48 8.71
CA ASN A 554 18.20 -12.39 8.92
C ASN A 554 18.69 -12.99 7.60
N VAL A 555 18.64 -12.21 6.53
CA VAL A 555 19.11 -12.76 5.24
C VAL A 555 20.63 -12.84 5.27
N PRO A 556 21.21 -14.03 5.04
CA PRO A 556 22.67 -14.16 5.06
C PRO A 556 23.32 -13.32 3.98
N PRO A 557 24.34 -12.54 4.32
CA PRO A 557 25.11 -11.81 3.30
C PRO A 557 25.64 -12.74 2.21
N ASP A 558 25.53 -12.29 0.96
CA ASP A 558 26.00 -13.07 -0.18
C ASP A 558 27.19 -12.44 -0.88
N ASN A 559 27.64 -11.28 -0.43
CA ASN A 559 28.81 -10.63 -1.00
C ASN A 559 30.02 -10.78 -0.08
#